data_5CS3
#
_entry.id   5CS3
#
_cell.length_a   53.340
_cell.length_b   63.378
_cell.length_c   57.482
_cell.angle_alpha   90.00
_cell.angle_beta   95.17
_cell.angle_gamma   90.00
#
_symmetry.space_group_name_H-M   'P 1 21 1'
#
loop_
_entity.id
_entity.type
_entity.pdbx_description
1 polymer 'Hepatocyte growth factor'
2 non-polymer '3-[4-(2-HYDROXYETHYL)PIPERAZIN-1-YL]PROPANE-1-SULFONIC ACID'
3 water water
#
_entity_poly.entity_id   1
_entity_poly.type   'polypeptide(L)'
_entity_poly.pdbx_seq_one_letter_code
;YVEGQRKRRNTIHEFKKSAKTTLIKIDPALKIKTKKVNTADQCANRCTRNKGLPFTCKAFVFDKARKQCLWFPFNSMSSG
VKKEFGHEFDLYENKDYIRNCIIGKGRSYKGTVSITKSGIKCQPWSSMIPHEHSFLPSSYRGKDLQENYCRNPRGEEGGP
WCFTSNPEVRYEVCDIPQCSEVE
;
_entity_poly.pdbx_strand_id   A,B
#
# COMPACT_ATOMS: atom_id res chain seq x y z
N THR A 11 -5.87 -7.87 11.15
CA THR A 11 -5.80 -7.61 9.67
C THR A 11 -6.81 -6.61 9.06
N ILE A 12 -7.88 -6.29 9.79
CA ILE A 12 -8.83 -5.28 9.29
C ILE A 12 -8.32 -3.82 9.25
N HIS A 13 -7.00 -3.60 9.24
CA HIS A 13 -6.43 -2.25 9.17
C HIS A 13 -5.47 -2.13 7.99
N GLU A 14 -5.29 -3.20 7.24
CA GLU A 14 -4.60 -3.10 5.94
C GLU A 14 -5.56 -2.55 4.87
N PHE A 15 -6.73 -2.08 5.31
CA PHE A 15 -7.82 -1.69 4.42
C PHE A 15 -8.28 -0.29 4.73
N LYS A 16 -8.77 0.38 3.71
CA LYS A 16 -9.32 1.74 3.85
C LYS A 16 -10.85 1.58 3.95
N LYS A 17 -11.43 2.07 5.04
CA LYS A 17 -12.88 1.93 5.32
C LYS A 17 -13.63 3.19 4.97
N SER A 18 -14.54 3.06 4.01
CA SER A 18 -15.61 4.03 3.83
C SER A 18 -16.88 3.55 4.60
N ALA A 19 -17.22 4.17 5.72
CA ALA A 19 -18.49 3.84 6.42
C ALA A 19 -19.66 4.00 5.48
N LYS A 20 -20.69 3.18 5.62
CA LYS A 20 -22.05 3.49 5.12
C LYS A 20 -22.11 3.44 3.63
N THR A 21 -21.30 2.53 3.06
CA THR A 21 -21.08 2.51 1.62
C THR A 21 -20.96 1.08 1.12
N THR A 22 -21.48 0.82 -0.08
CA THR A 22 -21.22 -0.47 -0.74
C THR A 22 -20.91 -0.27 -2.23
N LEU A 23 -20.68 -1.35 -2.97
CA LEU A 23 -20.32 -1.28 -4.37
C LEU A 23 -21.22 -2.16 -5.24
N ILE A 24 -22.08 -1.52 -6.06
CA ILE A 24 -22.82 -2.26 -7.07
C ILE A 24 -22.00 -2.48 -8.34
N LYS A 25 -22.13 -3.67 -8.91
CA LYS A 25 -21.48 -3.97 -10.17
C LYS A 25 -22.46 -3.74 -11.31
N ILE A 26 -21.97 -3.09 -12.38
CA ILE A 26 -22.76 -2.94 -13.61
C ILE A 26 -22.49 -4.21 -14.40
N ASP A 27 -21.26 -4.29 -14.89
CA ASP A 27 -20.69 -5.43 -15.58
C ASP A 27 -20.94 -6.73 -14.80
N PRO A 28 -22.06 -7.44 -15.09
CA PRO A 28 -22.37 -8.61 -14.29
C PRO A 28 -21.54 -9.84 -14.66
N ALA A 29 -20.33 -9.61 -15.18
CA ALA A 29 -19.38 -10.69 -15.47
C ALA A 29 -18.16 -10.71 -14.51
N LEU A 30 -17.99 -9.63 -13.76
CA LEU A 30 -16.99 -9.56 -12.69
C LEU A 30 -17.49 -10.49 -11.53
N LYS A 31 -16.59 -11.39 -11.10
CA LYS A 31 -16.96 -12.43 -10.12
C LYS A 31 -17.15 -11.88 -8.70
N ILE A 32 -17.80 -12.68 -7.84
CA ILE A 32 -18.15 -12.25 -6.50
C ILE A 32 -18.47 -13.46 -5.61
N LYS A 33 -17.84 -13.53 -4.45
CA LYS A 33 -18.16 -14.58 -3.53
C LYS A 33 -18.76 -13.88 -2.33
N THR A 34 -19.73 -14.53 -1.71
CA THR A 34 -20.30 -14.02 -0.47
C THR A 34 -20.52 -15.17 0.47
N LYS A 35 -20.46 -14.87 1.77
CA LYS A 35 -20.79 -15.83 2.80
C LYS A 35 -21.31 -15.11 4.03
N LYS A 36 -22.25 -15.76 4.72
CA LYS A 36 -22.77 -15.30 6.00
C LYS A 36 -21.74 -15.58 7.09
N VAL A 37 -21.06 -14.55 7.57
CA VAL A 37 -20.00 -14.70 8.57
C VAL A 37 -20.46 -14.00 9.83
N ASN A 38 -19.57 -13.73 10.78
CA ASN A 38 -19.96 -13.16 12.09
C ASN A 38 -19.55 -11.70 12.33
N THR A 39 -18.27 -11.37 12.08
CA THR A 39 -17.78 -9.99 12.07
C THR A 39 -16.97 -9.62 10.80
N ALA A 40 -16.79 -8.31 10.59
CA ALA A 40 -16.06 -7.72 9.47
C ALA A 40 -14.60 -8.14 9.45
N ASP A 41 -14.03 -8.32 10.64
CA ASP A 41 -12.69 -8.85 10.82
C ASP A 41 -12.47 -10.20 10.14
N GLN A 42 -13.52 -11.05 10.12
CA GLN A 42 -13.47 -12.41 9.57
C GLN A 42 -13.54 -12.41 8.06
N CYS A 43 -13.79 -11.24 7.50
CA CYS A 43 -13.76 -11.10 6.06
C CYS A 43 -12.48 -10.51 5.57
N ALA A 44 -11.85 -9.73 6.44
CA ALA A 44 -10.56 -9.12 6.20
C ALA A 44 -9.50 -10.21 6.02
N ASN A 45 -9.54 -11.14 6.98
CA ASN A 45 -8.60 -12.24 7.07
C ASN A 45 -8.74 -13.13 5.85
N ARG A 46 -9.96 -13.56 5.53
CA ARG A 46 -10.21 -14.34 4.30
C ARG A 46 -9.78 -13.61 3.04
N CYS A 47 -10.02 -12.29 2.97
CA CYS A 47 -9.52 -11.44 1.88
C CYS A 47 -7.98 -11.41 1.89
N THR A 48 -7.37 -10.91 2.98
CA THR A 48 -5.90 -10.83 3.12
C THR A 48 -5.10 -12.09 2.69
N ARG A 49 -5.48 -13.26 3.16
CA ARG A 49 -4.86 -14.48 2.65
C ARG A 49 -5.58 -15.13 1.48
N ASN A 50 -6.64 -14.49 0.96
CA ASN A 50 -7.19 -14.82 -0.37
C ASN A 50 -7.46 -16.33 -0.62
N LYS A 51 -7.58 -17.13 0.41
CA LYS A 51 -7.84 -18.57 0.18
C LYS A 51 -9.32 -18.81 -0.10
N GLY A 52 -9.64 -19.62 -1.11
CA GLY A 52 -11.05 -19.93 -1.43
C GLY A 52 -11.81 -18.91 -2.27
N LEU A 53 -11.09 -17.97 -2.87
CA LEU A 53 -11.69 -16.93 -3.69
C LEU A 53 -11.01 -17.01 -5.05
N PRO A 54 -11.76 -17.32 -6.14
CA PRO A 54 -11.18 -17.51 -7.48
C PRO A 54 -10.80 -16.20 -8.18
N PHE A 55 -10.10 -15.35 -7.45
CA PHE A 55 -9.67 -14.08 -7.98
C PHE A 55 -8.80 -13.41 -6.94
N THR A 56 -8.31 -12.22 -7.25
CA THR A 56 -7.52 -11.43 -6.30
C THR A 56 -8.50 -10.53 -5.56
N CYS A 57 -8.58 -10.67 -4.24
CA CYS A 57 -9.50 -9.87 -3.41
C CYS A 57 -8.91 -8.49 -3.28
N LYS A 58 -9.60 -7.53 -3.85
CA LYS A 58 -9.19 -6.17 -3.75
C LYS A 58 -10.04 -5.44 -2.74
N ALA A 59 -11.23 -5.96 -2.49
CA ALA A 59 -12.14 -5.27 -1.58
C ALA A 59 -13.16 -6.20 -1.04
N PHE A 60 -13.71 -5.83 0.10
CA PHE A 60 -14.90 -6.49 0.58
C PHE A 60 -15.85 -5.50 1.21
N VAL A 61 -17.10 -5.93 1.31
CA VAL A 61 -18.11 -5.20 2.01
C VAL A 61 -18.61 -6.09 3.15
N PHE A 62 -18.81 -5.51 4.33
CA PHE A 62 -19.49 -6.21 5.39
C PHE A 62 -20.93 -5.69 5.62
N ASP A 63 -21.90 -6.59 5.47
CA ASP A 63 -23.29 -6.26 5.73
C ASP A 63 -23.60 -6.46 7.20
N LYS A 64 -23.74 -5.37 7.93
CA LYS A 64 -23.95 -5.45 9.36
C LYS A 64 -25.36 -5.96 9.71
N ALA A 65 -26.29 -5.84 8.78
CA ALA A 65 -27.66 -6.28 9.04
C ALA A 65 -27.74 -7.80 8.91
N ARG A 66 -27.45 -8.26 7.70
CA ARG A 66 -27.50 -9.67 7.30
CA ARG A 66 -27.57 -9.66 7.38
C ARG A 66 -26.32 -10.43 7.86
N LYS A 67 -25.38 -9.70 8.46
CA LYS A 67 -24.05 -10.21 8.83
C LYS A 67 -23.44 -11.08 7.71
N GLN A 68 -23.36 -10.51 6.52
CA GLN A 68 -22.83 -11.18 5.37
C GLN A 68 -21.58 -10.45 4.93
N CYS A 69 -20.70 -11.17 4.27
CA CYS A 69 -19.56 -10.57 3.61
C CYS A 69 -19.58 -10.82 2.13
N LEU A 70 -19.15 -9.78 1.40
CA LEU A 70 -19.14 -9.74 -0.04
C LEU A 70 -17.72 -9.39 -0.45
N TRP A 71 -17.06 -10.30 -1.17
CA TRP A 71 -15.68 -10.11 -1.58
C TRP A 71 -15.62 -9.73 -3.04
N PHE A 72 -14.68 -8.87 -3.42
CA PHE A 72 -14.61 -8.45 -4.81
C PHE A 72 -13.21 -8.42 -5.36
N PRO A 73 -13.04 -8.78 -6.65
CA PRO A 73 -11.81 -8.51 -7.38
C PRO A 73 -11.81 -7.12 -8.03
N PHE A 74 -12.34 -6.11 -7.34
CA PHE A 74 -12.37 -4.73 -7.81
C PHE A 74 -12.62 -3.82 -6.62
N ASN A 75 -12.40 -2.51 -6.78
CA ASN A 75 -12.65 -1.53 -5.73
C ASN A 75 -13.39 -0.35 -6.33
N SER A 76 -13.51 0.76 -5.58
CA SER A 76 -14.28 1.93 -6.02
C SER A 76 -13.60 2.83 -7.11
N MET A 77 -12.44 2.41 -7.59
CA MET A 77 -11.75 3.11 -8.66
C MET A 77 -11.72 2.24 -9.91
N SER A 78 -12.46 1.13 -9.86
CA SER A 78 -12.54 0.22 -10.97
C SER A 78 -13.64 0.60 -11.94
N SER A 79 -13.33 0.49 -13.23
CA SER A 79 -14.31 0.75 -14.28
C SER A 79 -15.43 -0.29 -14.20
N GLY A 80 -16.67 0.19 -14.19
CA GLY A 80 -17.82 -0.72 -14.20
C GLY A 80 -18.48 -0.97 -12.84
N VAL A 81 -18.15 -0.16 -11.84
CA VAL A 81 -18.69 -0.31 -10.49
C VAL A 81 -18.98 1.04 -9.84
N LYS A 82 -20.04 1.11 -9.05
CA LYS A 82 -20.45 2.36 -8.40
C LYS A 82 -20.48 2.29 -6.86
N LYS A 83 -19.97 3.32 -6.19
CA LYS A 83 -20.27 3.52 -4.78
C LYS A 83 -21.80 3.51 -4.65
N GLU A 84 -22.30 3.65 -3.42
CA GLU A 84 -23.76 3.69 -3.11
C GLU A 84 -23.93 3.85 -1.61
N PHE A 85 -24.79 4.76 -1.19
CA PHE A 85 -25.02 4.86 0.21
C PHE A 85 -25.85 3.66 0.67
N GLY A 86 -25.44 3.03 1.77
CA GLY A 86 -26.27 2.04 2.48
C GLY A 86 -25.88 2.09 3.94
N HIS A 87 -26.81 2.44 4.83
CA HIS A 87 -26.50 2.62 6.26
C HIS A 87 -25.96 1.33 6.94
N GLU A 88 -26.32 0.16 6.39
CA GLU A 88 -25.97 -1.12 7.01
C GLU A 88 -24.63 -1.69 6.52
N PHE A 89 -24.06 -1.05 5.51
CA PHE A 89 -22.80 -1.52 4.94
C PHE A 89 -21.60 -0.72 5.39
N ASP A 90 -20.43 -1.39 5.27
CA ASP A 90 -19.13 -0.75 5.35
C ASP A 90 -18.24 -1.27 4.22
N LEU A 91 -17.48 -0.39 3.58
CA LEU A 91 -16.62 -0.79 2.45
C LEU A 91 -15.18 -0.79 2.90
N TYR A 92 -14.43 -1.82 2.51
CA TYR A 92 -13.04 -1.97 2.89
C TYR A 92 -12.28 -2.31 1.64
N GLU A 93 -11.34 -1.44 1.28
CA GLU A 93 -10.58 -1.61 0.03
C GLU A 93 -9.15 -1.96 0.40
N ASN A 94 -8.58 -2.96 -0.26
CA ASN A 94 -7.19 -3.39 -0.02
C ASN A 94 -6.26 -2.32 -0.53
N LYS A 95 -5.41 -1.78 0.33
CA LYS A 95 -4.47 -0.66 0.01
C LYS A 95 -3.46 -0.95 -1.08
N ASP A 96 -3.16 -2.23 -1.33
CA ASP A 96 -2.34 -2.55 -2.52
C ASP A 96 -2.93 -2.06 -3.82
N TYR A 97 -4.24 -1.77 -3.82
CA TYR A 97 -4.95 -1.46 -5.07
C TYR A 97 -5.54 -0.05 -5.04
N ILE A 98 -5.23 0.69 -4.00
CA ILE A 98 -5.51 2.13 -4.05
C ILE A 98 -4.22 2.82 -4.42
N ARG A 99 -4.22 3.55 -5.51
CA ARG A 99 -2.95 3.98 -6.03
C ARG A 99 -2.19 4.81 -4.94
N ASN A 100 -0.87 4.60 -4.80
CA ASN A 100 -0.21 5.18 -3.61
C ASN A 100 0.81 6.22 -4.00
N CYS A 101 0.45 6.97 -5.02
CA CYS A 101 1.42 7.52 -5.93
C CYS A 101 0.60 8.62 -6.55
N ILE A 102 1.17 9.80 -6.78
CA ILE A 102 0.39 10.98 -7.25
C ILE A 102 0.62 11.31 -8.71
N ILE A 103 -0.46 11.57 -9.44
CA ILE A 103 -0.34 12.07 -10.79
C ILE A 103 -0.60 13.58 -10.82
N GLY A 104 0.49 14.33 -11.04
CA GLY A 104 0.45 15.77 -11.16
C GLY A 104 0.22 16.48 -9.85
N LYS A 105 -0.91 17.16 -9.72
CA LYS A 105 -1.16 17.88 -8.48
C LYS A 105 -1.85 16.98 -7.48
N GLY A 106 -2.20 15.77 -7.88
CA GLY A 106 -2.87 14.85 -6.97
C GLY A 106 -4.35 15.09 -6.74
N ARG A 107 -5.00 15.73 -7.71
CA ARG A 107 -6.47 15.91 -7.71
C ARG A 107 -7.25 14.65 -7.30
N SER A 108 -6.79 13.50 -7.75
CA SER A 108 -7.56 12.28 -7.58
C SER A 108 -6.90 11.28 -6.62
N TYR A 109 -6.04 11.80 -5.73
CA TYR A 109 -5.32 10.99 -4.73
C TYR A 109 -6.25 10.54 -3.64
N LYS A 110 -6.47 9.23 -3.61
CA LYS A 110 -7.37 8.65 -2.61
C LYS A 110 -6.72 7.67 -1.64
N GLY A 111 -5.44 7.82 -1.32
CA GLY A 111 -4.83 6.88 -0.34
C GLY A 111 -4.89 7.32 1.11
N THR A 112 -4.26 6.53 2.00
CA THR A 112 -4.49 6.69 3.45
C THR A 112 -3.39 7.41 4.22
N VAL A 113 -2.49 8.09 3.51
CA VAL A 113 -1.41 8.80 4.18
C VAL A 113 -1.97 10.02 4.93
N SER A 114 -1.50 10.22 6.16
CA SER A 114 -2.04 11.26 7.03
C SER A 114 -1.00 12.06 7.77
N ILE A 115 0.25 11.96 7.37
CA ILE A 115 1.35 12.64 8.04
C ILE A 115 1.87 13.71 7.06
N THR A 116 2.16 14.91 7.55
CA THR A 116 2.82 15.96 6.75
C THR A 116 4.33 15.66 6.45
N LYS A 117 4.95 16.39 5.51
CA LYS A 117 6.33 16.11 5.07
C LYS A 117 7.43 16.17 6.15
N SER A 118 7.16 16.92 7.22
CA SER A 118 8.09 17.13 8.33
C SER A 118 7.61 16.34 9.55
N GLY A 119 6.71 15.38 9.28
CA GLY A 119 6.35 14.36 10.25
C GLY A 119 5.18 14.64 11.15
N ILE A 120 4.47 15.74 10.92
CA ILE A 120 3.41 16.18 11.83
C ILE A 120 2.07 15.53 11.48
N LYS A 121 1.42 14.87 12.46
CA LYS A 121 0.15 14.17 12.20
C LYS A 121 -0.91 15.13 11.65
N CYS A 122 -1.72 14.70 10.67
CA CYS A 122 -2.78 15.56 10.09
C CYS A 122 -3.97 15.90 10.99
N GLN A 123 -4.43 17.15 10.88
CA GLN A 123 -5.70 17.57 11.44
C GLN A 123 -6.88 17.04 10.60
N PRO A 124 -7.69 16.13 11.19
CA PRO A 124 -8.94 15.67 10.55
C PRO A 124 -9.73 16.81 9.89
N TRP A 125 -10.35 16.54 8.75
CA TRP A 125 -11.18 17.55 8.08
C TRP A 125 -12.46 17.82 8.89
N SER A 126 -13.04 16.75 9.49
CA SER A 126 -14.20 16.88 10.38
C SER A 126 -13.81 17.37 11.77
N SER A 127 -13.10 18.50 11.81
CA SER A 127 -12.61 19.15 13.04
C SER A 127 -12.03 20.54 12.74
N MET A 128 -12.38 21.52 13.59
CA MET A 128 -11.93 22.92 13.44
C MET A 128 -10.79 23.28 14.41
N ILE A 129 -10.21 22.25 15.01
CA ILE A 129 -9.16 22.38 16.03
C ILE A 129 -7.88 21.67 15.56
N PRO A 130 -6.70 22.31 15.72
CA PRO A 130 -6.49 23.68 16.19
C PRO A 130 -6.72 24.73 15.11
N HIS A 131 -6.89 24.32 13.85
CA HIS A 131 -7.11 25.26 12.74
C HIS A 131 -8.52 25.20 12.20
N GLU A 132 -9.13 26.38 12.02
CA GLU A 132 -10.53 26.46 11.60
C GLU A 132 -10.57 26.63 10.08
N HIS A 133 -11.59 26.08 9.42
CA HIS A 133 -11.55 25.96 7.95
C HIS A 133 -12.86 25.77 7.18
N SER A 134 -12.76 25.95 5.86
CA SER A 134 -13.87 25.98 4.88
C SER A 134 -14.07 24.64 4.14
N PHE A 135 -13.47 23.58 4.68
CA PHE A 135 -13.47 22.25 4.05
C PHE A 135 -14.18 21.17 4.88
N LEU A 136 -15.52 21.21 4.98
CA LEU A 136 -16.27 20.04 5.50
C LEU A 136 -16.31 19.01 4.39
N PRO A 137 -16.36 17.70 4.73
CA PRO A 137 -16.72 16.70 3.74
C PRO A 137 -17.82 17.18 2.79
N SER A 138 -19.10 17.11 3.20
CA SER A 138 -20.17 17.13 2.19
C SER A 138 -20.29 18.40 1.32
N SER A 139 -19.68 19.48 1.81
CA SER A 139 -19.45 20.71 1.01
C SER A 139 -18.43 20.52 -0.12
N TYR A 140 -17.66 19.45 -0.05
CA TYR A 140 -16.63 19.19 -1.06
C TYR A 140 -16.70 17.77 -1.60
N ARG A 141 -17.92 17.26 -1.73
CA ARG A 141 -18.14 15.88 -2.17
C ARG A 141 -17.48 15.49 -3.50
N GLY A 142 -17.31 14.19 -3.67
CA GLY A 142 -16.48 13.63 -4.72
C GLY A 142 -15.01 13.59 -4.34
N LYS A 143 -14.60 14.47 -3.42
CA LYS A 143 -13.18 14.71 -3.11
C LYS A 143 -12.59 13.88 -1.93
N ASP A 144 -13.43 13.13 -1.23
CA ASP A 144 -13.01 12.24 -0.16
C ASP A 144 -12.27 12.96 1.00
N LEU A 145 -12.82 14.08 1.49
CA LEU A 145 -12.24 14.76 2.66
C LEU A 145 -12.65 14.04 3.92
N GLN A 146 -12.28 12.77 3.90
CA GLN A 146 -12.60 11.75 4.87
C GLN A 146 -11.43 11.80 5.86
N GLU A 147 -11.64 11.23 7.06
CA GLU A 147 -10.60 10.98 8.08
C GLU A 147 -9.58 12.13 8.33
N ASN A 148 -8.29 11.78 8.40
CA ASN A 148 -7.21 12.79 8.34
C ASN A 148 -6.26 12.55 7.15
N TYR A 149 -6.83 12.26 5.97
CA TYR A 149 -5.99 11.82 4.88
C TYR A 149 -5.42 13.00 4.14
N CYS A 150 -4.14 12.92 3.80
CA CYS A 150 -3.60 13.95 2.95
C CYS A 150 -4.49 14.05 1.72
N ARG A 151 -4.92 15.25 1.35
CA ARG A 151 -5.83 15.40 0.21
C ARG A 151 -5.51 16.65 -0.54
N ASN A 152 -6.02 16.76 -1.76
CA ASN A 152 -5.93 18.01 -2.53
C ASN A 152 -7.23 18.38 -3.26
N PRO A 153 -8.24 18.92 -2.55
CA PRO A 153 -9.59 19.07 -3.12
C PRO A 153 -9.72 20.10 -4.25
N ARG A 154 -8.96 21.18 -4.19
CA ARG A 154 -9.03 22.19 -5.22
C ARG A 154 -7.93 21.92 -6.23
N GLY A 155 -7.16 20.87 -5.99
CA GLY A 155 -6.05 20.54 -6.83
C GLY A 155 -5.11 21.70 -7.04
N GLU A 156 -4.21 21.95 -6.07
CA GLU A 156 -3.35 23.15 -6.10
C GLU A 156 -1.84 22.97 -5.86
N GLU A 157 -1.05 23.73 -6.63
CA GLU A 157 0.35 23.40 -7.07
C GLU A 157 1.20 22.24 -6.47
N GLY A 158 1.37 22.22 -5.14
CA GLY A 158 2.29 21.26 -4.53
C GLY A 158 1.74 19.93 -4.05
N GLY A 159 0.60 19.47 -4.59
CA GLY A 159 0.04 18.16 -4.24
C GLY A 159 -0.76 18.07 -2.94
N PRO A 160 -1.16 16.85 -2.55
CA PRO A 160 -2.01 16.72 -1.39
C PRO A 160 -1.36 17.22 -0.12
N TRP A 161 -2.22 17.76 0.73
CA TRP A 161 -1.85 18.44 1.97
C TRP A 161 -2.95 18.19 2.99
N CYS A 162 -2.77 18.75 4.18
CA CYS A 162 -3.81 18.72 5.20
C CYS A 162 -3.59 19.88 6.14
N PHE A 163 -4.58 20.15 6.98
CA PHE A 163 -4.35 21.01 8.09
C PHE A 163 -3.68 20.10 9.07
N THR A 164 -2.99 20.70 10.02
CA THR A 164 -1.98 20.05 10.84
C THR A 164 -2.36 20.19 12.32
N SER A 165 -2.35 19.06 13.02
CA SER A 165 -2.64 19.02 14.44
C SER A 165 -1.75 19.94 15.31
N ASN A 166 -0.69 20.50 14.72
CA ASN A 166 0.22 21.40 15.45
C ASN A 166 -0.16 22.86 15.30
N PRO A 167 -0.55 23.50 16.42
CA PRO A 167 -1.11 24.85 16.35
C PRO A 167 -0.22 25.89 15.66
N GLU A 168 1.10 25.65 15.60
CA GLU A 168 2.03 26.62 14.96
C GLU A 168 2.06 26.48 13.45
N VAL A 169 1.57 25.35 12.95
CA VAL A 169 1.64 25.06 11.51
C VAL A 169 0.23 24.80 10.99
N ARG A 170 -0.33 25.78 10.30
CA ARG A 170 -1.71 25.73 9.89
C ARG A 170 -1.81 24.57 8.89
N TYR A 171 -1.03 24.69 7.83
CA TYR A 171 -1.04 23.69 6.81
C TYR A 171 0.37 23.39 6.28
N GLU A 172 0.48 22.21 5.67
CA GLU A 172 1.70 21.73 5.02
C GLU A 172 1.31 20.62 4.03
N VAL A 173 2.09 20.52 2.95
CA VAL A 173 1.91 19.42 2.04
C VAL A 173 2.45 18.16 2.69
N CYS A 174 2.09 17.02 2.09
CA CYS A 174 2.53 15.73 2.57
C CYS A 174 3.67 15.33 1.69
N ASP A 175 4.25 14.17 1.92
CA ASP A 175 5.37 13.75 1.11
C ASP A 175 5.03 12.53 0.26
N ILE A 176 4.00 12.65 -0.58
CA ILE A 176 3.58 11.52 -1.45
C ILE A 176 4.28 11.57 -2.80
N PRO A 177 4.93 10.46 -3.20
CA PRO A 177 5.69 10.48 -4.42
C PRO A 177 4.80 10.69 -5.64
N GLN A 178 5.36 11.37 -6.62
CA GLN A 178 4.85 11.28 -7.97
C GLN A 178 4.95 9.82 -8.45
N CYS A 179 4.03 9.41 -9.30
CA CYS A 179 4.19 8.18 -10.03
C CYS A 179 5.44 8.22 -10.93
N SER A 180 5.95 9.41 -11.19
CA SER A 180 7.06 9.58 -12.14
C SER A 180 8.40 9.61 -11.43
N GLU A 181 8.36 9.59 -10.11
CA GLU A 181 9.55 9.75 -9.32
C GLU A 181 10.57 8.65 -9.58
N VAL A 182 10.12 7.40 -9.50
CA VAL A 182 11.00 6.24 -9.48
C VAL A 182 11.04 5.66 -10.89
N GLU A 183 12.13 4.99 -11.24
CA GLU A 183 12.28 4.22 -12.50
C GLU A 183 10.96 3.90 -13.21
N ASN B 10 1.38 -3.88 16.71
CA ASN B 10 2.28 -4.96 16.23
C ASN B 10 2.21 -5.00 14.71
N THR B 11 2.85 -4.03 14.06
CA THR B 11 2.68 -3.77 12.64
C THR B 11 3.78 -4.31 11.73
N ILE B 12 4.74 -5.02 12.31
CA ILE B 12 5.91 -5.46 11.53
C ILE B 12 5.57 -6.27 10.25
N HIS B 13 4.44 -6.96 10.27
CA HIS B 13 4.03 -7.72 9.08
C HIS B 13 3.49 -6.86 7.91
N GLU B 14 3.40 -5.55 8.10
CA GLU B 14 2.95 -4.68 7.01
C GLU B 14 4.06 -3.92 6.23
N PHE B 15 5.30 -4.37 6.37
CA PHE B 15 6.40 -3.76 5.64
C PHE B 15 6.99 -4.87 4.84
N LYS B 16 7.70 -4.51 3.79
CA LYS B 16 8.35 -5.46 2.93
C LYS B 16 9.79 -5.62 3.45
N LYS B 17 10.15 -6.85 3.77
CA LYS B 17 11.39 -7.16 4.43
C LYS B 17 12.48 -7.47 3.41
N SER B 18 13.59 -6.72 3.41
CA SER B 18 14.83 -7.23 2.75
C SER B 18 15.93 -7.61 3.74
N ALA B 19 16.25 -8.89 3.74
CA ALA B 19 17.24 -9.40 4.70
C ALA B 19 18.67 -8.86 4.43
N LYS B 20 19.45 -8.75 5.49
CA LYS B 20 20.90 -8.42 5.44
C LYS B 20 21.22 -7.12 4.80
N THR B 21 20.41 -6.10 5.05
CA THR B 21 20.45 -4.89 4.29
C THR B 21 20.19 -3.65 5.12
N THR B 22 20.96 -2.60 4.85
CA THR B 22 20.64 -1.30 5.34
C THR B 22 20.85 -0.31 4.19
N LEU B 23 20.48 0.95 4.41
CA LEU B 23 20.67 1.97 3.38
C LEU B 23 21.63 3.07 3.86
N ILE B 24 22.44 3.53 2.91
CA ILE B 24 23.54 4.45 3.18
C ILE B 24 23.22 5.81 2.57
N LYS B 25 23.56 6.84 3.32
CA LYS B 25 23.26 8.26 3.02
C LYS B 25 24.27 8.89 2.05
N ILE B 26 24.30 8.43 0.79
CA ILE B 26 25.14 9.06 -0.27
C ILE B 26 25.14 10.58 -0.10
N ASP B 27 23.93 11.11 0.11
CA ASP B 27 23.69 12.53 0.25
C ASP B 27 23.96 12.95 1.69
N PRO B 28 24.61 14.11 1.88
CA PRO B 28 24.68 14.57 3.26
C PRO B 28 23.35 15.19 3.66
N ALA B 29 22.57 15.59 2.67
CA ALA B 29 21.32 16.35 2.84
C ALA B 29 20.16 15.65 3.53
N LEU B 30 19.87 14.40 3.16
CA LEU B 30 18.76 13.66 3.77
C LEU B 30 19.02 13.45 5.27
N LYS B 31 17.95 13.28 6.04
CA LYS B 31 18.08 13.13 7.49
C LYS B 31 17.72 11.73 8.03
N ILE B 32 17.85 11.53 9.34
CA ILE B 32 17.80 10.21 9.99
C ILE B 32 17.37 10.32 11.45
N LYS B 33 16.73 9.27 11.96
CA LYS B 33 16.62 9.08 13.39
C LYS B 33 17.14 7.69 13.72
N THR B 34 17.69 7.57 14.92
CA THR B 34 18.16 6.31 15.45
C THR B 34 17.77 6.25 16.90
N LYS B 35 17.47 5.05 17.36
CA LYS B 35 17.27 4.81 18.77
C LYS B 35 17.73 3.40 19.05
N LYS B 36 18.48 3.24 20.14
CA LYS B 36 18.75 1.92 20.71
C LYS B 36 17.44 1.41 21.34
N VAL B 37 17.16 0.10 21.19
CA VAL B 37 15.84 -0.56 21.46
C VAL B 37 15.99 -2.04 21.76
N ASN B 38 14.88 -2.78 21.89
CA ASN B 38 14.90 -4.24 22.11
C ASN B 38 14.60 -5.12 20.89
N THR B 39 13.46 -4.92 20.26
CA THR B 39 13.08 -5.78 19.14
C THR B 39 12.67 -4.94 17.93
N ALA B 40 12.69 -5.54 16.73
CA ALA B 40 12.25 -4.84 15.50
C ALA B 40 10.79 -4.39 15.51
N ASP B 41 9.92 -5.11 16.22
CA ASP B 41 8.51 -4.65 16.51
C ASP B 41 8.45 -3.20 16.99
N GLN B 42 9.29 -2.91 17.98
CA GLN B 42 9.31 -1.61 18.60
C GLN B 42 9.66 -0.66 17.49
N CYS B 43 10.22 -1.23 16.41
CA CYS B 43 10.63 -0.37 15.33
C CYS B 43 9.62 -0.07 14.27
N ALA B 44 8.85 -1.11 13.92
CA ALA B 44 7.65 -0.98 13.10
C ALA B 44 6.74 0.07 13.70
N ASN B 45 6.26 -0.19 14.92
CA ASN B 45 5.25 0.68 15.58
C ASN B 45 5.59 2.16 15.55
N ARG B 46 6.86 2.52 15.71
CA ARG B 46 7.14 3.95 15.68
C ARG B 46 7.22 4.51 14.27
N CYS B 47 7.44 3.65 13.29
CA CYS B 47 7.44 4.10 11.92
C CYS B 47 5.99 4.17 11.51
N THR B 48 5.20 3.18 11.93
CA THR B 48 3.79 3.19 11.56
C THR B 48 3.06 4.39 12.13
N ARG B 49 3.36 4.72 13.38
CA ARG B 49 2.66 5.79 14.05
C ARG B 49 3.26 7.15 13.68
N ASN B 50 4.56 7.14 13.41
CA ASN B 50 5.26 8.34 12.94
C ASN B 50 5.41 9.41 14.03
N LYS B 51 5.40 8.97 15.29
CA LYS B 51 5.61 9.87 16.43
C LYS B 51 7.09 10.20 16.69
N GLY B 52 7.36 11.48 16.98
CA GLY B 52 8.70 11.97 17.31
C GLY B 52 9.65 11.98 16.13
N LEU B 53 9.10 12.10 14.92
CA LEU B 53 9.90 12.08 13.70
C LEU B 53 9.69 13.36 12.90
N PRO B 54 10.75 14.16 12.77
CA PRO B 54 10.70 15.43 12.00
C PRO B 54 10.55 15.21 10.50
N PHE B 55 10.01 14.06 10.12
CA PHE B 55 9.89 13.64 8.72
C PHE B 55 8.93 12.46 8.62
N THR B 56 8.58 12.13 7.38
CA THR B 56 7.75 10.95 6.99
C THR B 56 8.57 9.64 6.97
N CYS B 57 8.17 8.67 7.80
CA CYS B 57 8.84 7.38 7.88
C CYS B 57 8.38 6.37 6.80
N LYS B 58 9.19 6.33 5.76
CA LYS B 58 9.04 5.46 4.61
C LYS B 58 9.80 4.14 4.74
N ALA B 59 10.71 4.03 5.70
CA ALA B 59 11.47 2.77 5.92
C ALA B 59 12.22 2.76 7.24
N PHE B 60 12.45 1.58 7.77
CA PHE B 60 13.38 1.50 8.90
C PHE B 60 14.29 0.29 8.74
N VAL B 61 15.45 0.38 9.37
CA VAL B 61 16.31 -0.75 9.50
C VAL B 61 16.31 -1.09 10.96
N PHE B 62 16.34 -2.37 11.26
CA PHE B 62 16.71 -2.80 12.58
C PHE B 62 18.09 -3.49 12.57
N ASP B 63 18.94 -3.07 13.52
CA ASP B 63 20.29 -3.59 13.68
C ASP B 63 20.37 -4.62 14.83
N LYS B 64 20.33 -5.92 14.51
CA LYS B 64 20.27 -6.94 15.54
C LYS B 64 21.55 -7.02 16.43
N ALA B 65 22.63 -6.37 16.01
CA ALA B 65 23.90 -6.36 16.75
C ALA B 65 24.07 -5.17 17.70
N ARG B 66 23.60 -4.00 17.26
CA ARG B 66 23.67 -2.77 18.05
C ARG B 66 22.29 -2.43 18.60
N LYS B 67 21.34 -3.35 18.39
CA LYS B 67 19.94 -3.20 18.84
C LYS B 67 19.36 -1.84 18.53
N GLN B 68 19.70 -1.31 17.37
CA GLN B 68 19.29 0.02 16.98
C GLN B 68 18.26 0.01 15.86
N CYS B 69 17.38 1.00 15.93
CA CYS B 69 16.52 1.30 14.83
C CYS B 69 16.99 2.52 14.12
N LEU B 70 16.86 2.49 12.81
CA LEU B 70 17.20 3.65 12.00
C LEU B 70 15.96 3.92 11.12
N TRP B 71 15.22 4.98 11.45
CA TRP B 71 14.05 5.39 10.67
C TRP B 71 14.46 6.35 9.58
N PHE B 72 13.92 6.15 8.37
CA PHE B 72 14.28 6.94 7.18
C PHE B 72 13.12 7.69 6.53
N PRO B 73 13.41 8.87 5.93
CA PRO B 73 12.49 9.55 5.01
C PRO B 73 12.74 9.19 3.54
N PHE B 74 13.10 7.96 3.30
CA PHE B 74 13.36 7.50 1.96
C PHE B 74 13.33 5.97 2.02
N ASN B 75 13.57 5.30 0.90
CA ASN B 75 13.71 3.86 0.94
C ASN B 75 14.68 3.48 -0.13
N SER B 76 14.73 2.21 -0.49
CA SER B 76 15.78 1.74 -1.34
C SER B 76 15.67 2.32 -2.75
N MET B 77 14.56 2.99 -3.03
CA MET B 77 14.29 3.44 -4.40
C MET B 77 14.54 4.92 -4.50
N SER B 78 14.74 5.60 -3.36
CA SER B 78 14.97 7.02 -3.40
C SER B 78 16.32 7.39 -4.04
N SER B 79 16.40 8.55 -4.67
CA SER B 79 17.65 8.99 -5.25
C SER B 79 18.67 9.37 -4.16
N GLY B 80 19.96 9.23 -4.46
CA GLY B 80 21.01 9.50 -3.48
C GLY B 80 21.07 8.60 -2.24
N VAL B 81 20.58 7.37 -2.36
CA VAL B 81 20.64 6.33 -1.32
C VAL B 81 20.98 4.99 -1.97
N LYS B 82 21.71 4.16 -1.23
CA LYS B 82 22.15 2.87 -1.72
C LYS B 82 21.97 1.82 -0.63
N LYS B 83 21.75 0.58 -1.06
CA LYS B 83 21.78 -0.53 -0.15
C LYS B 83 23.21 -0.76 0.32
N GLU B 84 23.34 -1.24 1.54
CA GLU B 84 24.60 -1.77 1.96
C GLU B 84 24.32 -3.07 2.62
N PHE B 85 25.26 -4.00 2.48
CA PHE B 85 25.12 -5.29 3.06
C PHE B 85 25.51 -5.31 4.51
N GLY B 86 25.06 -6.32 5.23
CA GLY B 86 25.38 -6.51 6.65
C GLY B 86 24.57 -7.68 7.20
N HIS B 87 25.24 -8.68 7.75
CA HIS B 87 24.52 -9.79 8.40
C HIS B 87 23.58 -9.34 9.51
N GLU B 88 23.87 -8.21 10.13
CA GLU B 88 23.11 -7.82 11.29
C GLU B 88 21.89 -6.92 10.96
N PHE B 89 21.80 -6.43 9.73
CA PHE B 89 20.72 -5.51 9.33
C PHE B 89 19.54 -6.20 8.69
N ASP B 90 18.35 -5.75 9.06
CA ASP B 90 17.16 -6.09 8.31
C ASP B 90 16.48 -4.82 7.90
N LEU B 91 16.10 -4.73 6.64
CA LEU B 91 15.42 -3.56 6.15
C LEU B 91 13.94 -3.79 5.98
N TYR B 92 13.16 -2.77 6.30
CA TYR B 92 11.72 -2.87 6.24
C TYR B 92 11.13 -1.63 5.59
N GLU B 93 10.54 -1.76 4.39
CA GLU B 93 10.02 -0.58 3.71
C GLU B 93 8.49 -0.50 3.81
N ASN B 94 8.03 0.72 4.02
CA ASN B 94 6.59 0.96 4.21
C ASN B 94 5.87 0.77 2.87
N LYS B 95 4.97 -0.23 2.79
CA LYS B 95 4.23 -0.54 1.54
C LYS B 95 3.62 0.72 0.95
N ASP B 96 3.44 1.75 1.78
CA ASP B 96 2.85 3.02 1.31
C ASP B 96 3.69 3.87 0.40
N TYR B 97 4.99 3.62 0.36
CA TYR B 97 5.86 4.46 -0.46
C TYR B 97 6.55 3.56 -1.48
N ILE B 98 6.04 2.33 -1.60
CA ILE B 98 6.48 1.44 -2.67
C ILE B 98 5.39 1.36 -3.71
N ARG B 99 5.67 1.82 -4.92
CA ARG B 99 4.59 2.09 -5.85
C ARG B 99 3.77 0.84 -6.13
N ASN B 100 2.44 0.94 -5.98
CA ASN B 100 1.57 -0.27 -6.08
C ASN B 100 0.75 -0.31 -7.38
N CYS B 101 1.27 0.28 -8.43
CA CYS B 101 0.64 0.16 -9.72
C CYS B 101 1.78 -0.02 -10.69
N ILE B 102 1.50 -0.29 -11.96
CA ILE B 102 2.61 -0.40 -12.91
C ILE B 102 2.66 0.66 -13.99
N ILE B 103 3.89 0.88 -14.44
CA ILE B 103 4.18 1.79 -15.50
C ILE B 103 4.68 0.95 -16.69
N GLY B 104 3.95 1.05 -17.80
CA GLY B 104 4.32 0.34 -19.01
C GLY B 104 3.99 -1.12 -18.84
N LYS B 105 4.99 -1.99 -19.04
CA LYS B 105 4.83 -3.43 -18.81
C LYS B 105 5.27 -3.87 -17.40
N GLY B 106 5.79 -2.94 -16.62
CA GLY B 106 6.09 -3.25 -15.24
C GLY B 106 7.38 -3.97 -15.08
N ARG B 107 8.36 -3.58 -15.87
CA ARG B 107 9.70 -4.11 -15.71
C ARG B 107 10.25 -3.77 -14.28
N SER B 108 9.80 -2.66 -13.73
CA SER B 108 10.38 -2.13 -12.51
C SER B 108 9.35 -2.14 -11.37
N TYR B 109 8.28 -2.88 -11.54
CA TYR B 109 7.34 -3.07 -10.47
C TYR B 109 8.05 -3.75 -9.28
N LYS B 110 7.98 -3.14 -8.12
CA LYS B 110 8.58 -3.74 -6.92
C LYS B 110 7.61 -3.86 -5.74
N GLY B 111 6.28 -3.80 -6.01
CA GLY B 111 5.26 -4.05 -5.01
C GLY B 111 5.21 -5.54 -4.61
N THR B 112 4.35 -5.86 -3.65
CA THR B 112 4.41 -7.16 -2.97
C THR B 112 3.22 -8.08 -3.29
N VAL B 113 2.46 -7.79 -4.36
CA VAL B 113 1.29 -8.59 -4.65
C VAL B 113 1.88 -9.90 -5.04
N SER B 114 1.39 -10.97 -4.43
CA SER B 114 1.88 -12.30 -4.75
C SER B 114 0.76 -13.31 -5.06
N ILE B 115 -0.30 -12.86 -5.72
CA ILE B 115 -1.36 -13.74 -6.16
C ILE B 115 -1.67 -13.50 -7.66
N THR B 116 -1.97 -14.58 -8.36
CA THR B 116 -2.33 -14.51 -9.76
C THR B 116 -3.73 -13.97 -9.88
N LYS B 117 -4.06 -13.55 -11.08
CA LYS B 117 -5.41 -13.06 -11.40
C LYS B 117 -6.58 -13.92 -10.84
N SER B 118 -6.47 -15.25 -10.91
CA SER B 118 -7.54 -16.14 -10.50
C SER B 118 -7.37 -16.60 -9.09
N GLY B 119 -6.44 -15.98 -8.36
CA GLY B 119 -6.38 -16.25 -6.93
C GLY B 119 -5.35 -17.27 -6.49
N ILE B 120 -4.50 -17.74 -7.38
CA ILE B 120 -3.46 -18.66 -7.01
C ILE B 120 -2.25 -17.98 -6.37
N LYS B 121 -1.95 -18.40 -5.15
CA LYS B 121 -0.79 -17.93 -4.47
C LYS B 121 0.38 -18.27 -5.37
N CYS B 122 1.23 -17.27 -5.64
CA CYS B 122 2.46 -17.42 -6.44
C CYS B 122 3.56 -18.29 -5.72
N GLN B 123 4.29 -19.05 -6.50
CA GLN B 123 5.37 -19.91 -6.06
C GLN B 123 6.67 -19.11 -5.95
N PRO B 124 7.47 -19.35 -4.88
CA PRO B 124 8.70 -18.59 -4.67
C PRO B 124 9.69 -18.71 -5.84
N TRP B 125 10.27 -17.59 -6.29
CA TRP B 125 11.26 -17.66 -7.38
C TRP B 125 12.45 -18.59 -7.02
N SER B 126 12.79 -18.70 -5.73
CA SER B 126 13.91 -19.58 -5.30
C SER B 126 13.55 -21.07 -5.22
N SER B 127 12.29 -21.39 -5.53
CA SER B 127 11.80 -22.72 -5.44
C SER B 127 11.62 -23.29 -6.84
N MET B 128 11.64 -24.62 -6.90
CA MET B 128 11.48 -25.38 -8.11
C MET B 128 10.29 -26.29 -7.92
N ILE B 129 9.29 -25.82 -7.17
CA ILE B 129 8.18 -26.64 -6.70
C ILE B 129 7.02 -25.68 -6.55
N PRO B 130 5.90 -25.92 -7.26
CA PRO B 130 5.65 -27.01 -8.22
C PRO B 130 6.52 -27.06 -9.46
N HIS B 131 7.05 -25.93 -9.91
CA HIS B 131 7.51 -25.81 -11.28
C HIS B 131 8.98 -25.50 -11.43
N GLU B 132 9.58 -26.26 -12.34
CA GLU B 132 10.97 -26.06 -12.66
C GLU B 132 11.10 -24.94 -13.67
N HIS B 133 12.13 -24.11 -13.48
CA HIS B 133 12.24 -22.89 -14.27
C HIS B 133 13.66 -22.41 -14.08
N SER B 134 14.11 -21.45 -14.89
CA SER B 134 15.48 -20.90 -14.74
C SER B 134 15.55 -19.41 -14.42
N PHE B 135 14.49 -18.86 -13.84
CA PHE B 135 14.50 -17.45 -13.45
C PHE B 135 15.13 -17.29 -12.09
N LEU B 136 16.29 -17.90 -11.89
CA LEU B 136 17.09 -17.69 -10.69
C LEU B 136 17.15 -16.21 -10.30
N PRO B 137 16.91 -15.89 -9.01
CA PRO B 137 17.08 -14.48 -8.59
C PRO B 137 18.45 -13.90 -8.92
N SER B 138 19.50 -14.72 -8.86
CA SER B 138 20.86 -14.26 -9.18
C SER B 138 20.99 -13.93 -10.68
N SER B 139 20.28 -14.69 -11.52
CA SER B 139 20.24 -14.40 -12.95
C SER B 139 19.40 -13.18 -13.30
N TYR B 140 18.86 -12.47 -12.30
CA TYR B 140 17.97 -11.35 -12.63
C TYR B 140 18.06 -10.22 -11.64
N ARG B 141 19.28 -9.76 -11.40
CA ARG B 141 19.53 -8.82 -10.32
C ARG B 141 18.95 -7.48 -10.75
N GLY B 142 18.39 -6.76 -9.77
CA GLY B 142 17.68 -5.52 -10.06
C GLY B 142 16.24 -5.76 -10.45
N LYS B 143 15.89 -6.99 -10.82
CA LYS B 143 14.49 -7.29 -11.14
C LYS B 143 13.68 -7.79 -9.91
N ASP B 144 14.33 -7.84 -8.74
CA ASP B 144 13.78 -8.10 -7.41
C ASP B 144 12.89 -9.34 -7.40
N LEU B 145 13.44 -10.48 -7.81
CA LEU B 145 12.71 -11.73 -7.83
C LEU B 145 12.86 -12.38 -6.45
N GLN B 146 12.31 -11.70 -5.45
CA GLN B 146 12.37 -12.15 -4.08
C GLN B 146 11.01 -12.74 -3.70
N GLU B 147 11.04 -13.70 -2.77
CA GLU B 147 9.84 -14.26 -2.21
C GLU B 147 9.06 -14.83 -3.38
N ASN B 148 7.77 -14.43 -3.48
CA ASN B 148 6.91 -15.01 -4.45
C ASN B 148 6.12 -13.93 -5.13
N TYR B 149 6.74 -12.78 -5.28
CA TYR B 149 6.08 -11.59 -5.79
C TYR B 149 5.91 -11.67 -7.31
N CYS B 150 4.89 -10.99 -7.81
CA CYS B 150 4.62 -10.91 -9.24
C CYS B 150 5.62 -9.93 -9.85
N ARG B 151 6.30 -10.40 -10.88
CA ARG B 151 7.38 -9.67 -11.49
C ARG B 151 7.36 -9.93 -12.95
N ASN B 152 7.89 -8.98 -13.69
CA ASN B 152 7.90 -9.10 -15.16
C ASN B 152 9.30 -8.87 -15.62
N PRO B 153 10.22 -9.78 -15.24
CA PRO B 153 11.67 -9.57 -15.28
C PRO B 153 12.21 -9.37 -16.67
N ARG B 154 11.71 -10.12 -17.64
CA ARG B 154 12.09 -9.83 -19.04
C ARG B 154 11.18 -8.81 -19.70
N GLY B 155 10.39 -8.08 -18.90
CA GLY B 155 9.53 -6.98 -19.40
C GLY B 155 8.66 -7.34 -20.60
N GLU B 156 7.90 -8.41 -20.48
CA GLU B 156 7.09 -8.89 -21.59
C GLU B 156 5.71 -8.34 -21.58
N GLU B 157 4.94 -8.68 -22.62
CA GLU B 157 3.63 -8.05 -22.94
C GLU B 157 2.61 -8.01 -21.81
N GLY B 158 2.43 -9.14 -21.13
CA GLY B 158 1.37 -9.20 -20.12
C GLY B 158 1.50 -8.47 -18.77
N GLY B 159 2.65 -7.85 -18.49
CA GLY B 159 2.91 -7.36 -17.14
C GLY B 159 3.34 -8.47 -16.16
N PRO B 160 3.33 -8.14 -14.85
CA PRO B 160 3.98 -9.05 -13.91
C PRO B 160 3.24 -10.35 -13.81
N TRP B 161 4.00 -11.43 -13.70
CA TRP B 161 3.40 -12.75 -13.64
C TRP B 161 4.23 -13.49 -12.60
N CYS B 162 3.92 -14.75 -12.33
CA CYS B 162 4.71 -15.58 -11.43
C CYS B 162 4.41 -17.06 -11.77
N PHE B 163 5.26 -17.97 -11.32
CA PHE B 163 4.94 -19.38 -11.42
C PHE B 163 3.93 -19.58 -10.32
N THR B 164 3.06 -20.57 -10.51
CA THR B 164 1.94 -20.75 -9.65
C THR B 164 2.18 -21.93 -8.72
N SER B 165 1.79 -21.80 -7.48
CA SER B 165 1.81 -22.91 -6.53
C SER B 165 0.71 -23.98 -6.77
N ASN B 166 0.03 -23.91 -7.91
CA ASN B 166 -0.88 -24.96 -8.38
C ASN B 166 -0.11 -25.72 -9.47
N PRO B 167 0.16 -27.03 -9.24
CA PRO B 167 0.92 -27.80 -10.24
C PRO B 167 0.26 -27.85 -11.60
N GLU B 168 -1.07 -27.74 -11.65
CA GLU B 168 -1.74 -27.71 -12.96
C GLU B 168 -1.68 -26.38 -13.71
N VAL B 169 -1.28 -25.30 -13.02
CA VAL B 169 -1.05 -23.99 -13.68
C VAL B 169 0.43 -23.53 -13.56
N ARG B 170 1.19 -23.80 -14.60
CA ARG B 170 2.59 -23.43 -14.55
C ARG B 170 2.79 -21.93 -14.20
N TYR B 171 2.05 -21.03 -14.85
CA TYR B 171 2.18 -19.58 -14.57
C TYR B 171 0.92 -18.80 -14.91
N GLU B 172 0.92 -17.53 -14.48
CA GLU B 172 -0.23 -16.65 -14.65
C GLU B 172 0.07 -15.17 -14.35
N VAL B 173 -0.62 -14.29 -15.04
CA VAL B 173 -0.44 -12.87 -14.83
C VAL B 173 -1.05 -12.51 -13.53
N CYS B 174 -0.47 -11.49 -12.92
CA CYS B 174 -1.09 -10.94 -11.76
C CYS B 174 -1.70 -9.70 -12.33
N ASP B 175 -2.76 -9.31 -11.67
CA ASP B 175 -3.70 -8.37 -12.10
C ASP B 175 -3.38 -7.09 -11.30
N ILE B 176 -2.35 -6.37 -11.74
CA ILE B 176 -1.92 -5.16 -11.01
C ILE B 176 -2.21 -3.96 -11.91
N PRO B 177 -2.85 -2.93 -11.36
CA PRO B 177 -3.36 -1.83 -12.16
C PRO B 177 -2.29 -0.98 -12.78
N GLN B 178 -2.56 -0.50 -13.97
CA GLN B 178 -1.74 0.53 -14.56
C GLN B 178 -1.85 1.80 -13.69
N CYS B 179 -0.72 2.43 -13.33
CA CYS B 179 -0.78 3.77 -12.70
C CYS B 179 -1.61 4.76 -13.47
N SER B 180 -1.35 4.92 -14.77
CA SER B 180 -2.17 5.83 -15.57
C SER B 180 -2.47 5.40 -17.01
N GLU B 181 -3.74 5.08 -17.25
CA GLU B 181 -4.26 4.71 -18.57
C GLU B 181 -5.61 5.38 -18.75
N VAL B 182 -5.60 6.55 -19.37
CA VAL B 182 -6.76 7.33 -19.73
C VAL B 182 -6.73 7.42 -21.26
#